data_6VSR
#
_entry.id   6VSR
#
_cell.length_a   61.459
_cell.length_b   75.646
_cell.length_c   115.068
_cell.angle_alpha   90.000
_cell.angle_beta   90.000
_cell.angle_gamma   90.000
#
_symmetry.space_group_name_H-M   'P 21 21 21'
#
loop_
_entity.id
_entity.type
_entity.pdbx_description
1 polymer 'RM20F Fab Heavy Chain'
2 polymer 'RM20F Fab Light Chain'
3 non-polymer 'SULFATE ION'
4 water water
#
loop_
_entity_poly.entity_id
_entity_poly.type
_entity_poly.pdbx_seq_one_letter_code
_entity_poly.pdbx_strand_id
1 'polypeptide(L)'
;QVQLVQSGGALVQPGASLRLSCAASEFSFSTHDMHWVRQAPGKGLEWVSGINIHGGTYYPDSVKGRFTISRDSAKNSLYL
QMSSLRDGDTAVYFCARGGKPIYYSGGYPSWYFDLWGPGTPITISSASTKGPSVFPLAPSSKSTSGGTAALGCLVKDYFP
EPVTVSWNSGALTSGVHTFPAVLQSSGLYSLSSVVTVPSSSLGTQTYICNVNHKPSNTKVDKRVEPK
;
A
2 'polypeptide(L)'
;DVVMTQSPGFRSVTLKEKVSITCQASQTIGTNLHWYQQKPGQSPKLLIKYSSQSISGVPSRFSGSGSGTDFTLTINSLEA
DDAATYYCQQTNSFPCTFGPGTKVEIKRTVAAPSVFIFPPSDEQLKSGTASVVCLLNNFYPREAKVQWKVDNALQSGNSQ
ESVTEQDSKDSTYSLSSTLTLSKADYEKHKVYACEVTHQGLSSPVTKSFNRGE
;
B
#
loop_
_chem_comp.id
_chem_comp.type
_chem_comp.name
_chem_comp.formula
SO4 non-polymer 'SULFATE ION' 'O4 S -2'
#
# COMPACT_ATOMS: atom_id res chain seq x y z
N GLN A 1 -14.13 -16.65 5.13
CA GLN A 1 -15.05 -17.01 6.20
C GLN A 1 -14.77 -16.15 7.43
N VAL A 2 -13.79 -16.56 8.23
CA VAL A 2 -13.40 -15.79 9.41
C VAL A 2 -12.62 -14.56 8.96
N GLN A 3 -12.98 -13.41 9.50
CA GLN A 3 -12.29 -12.17 9.15
C GLN A 3 -12.64 -11.11 10.18
N LEU A 4 -12.01 -9.94 10.04
CA LEU A 4 -12.22 -8.80 10.90
C LEU A 4 -12.51 -7.58 10.04
N VAL A 5 -13.50 -6.79 10.45
CA VAL A 5 -13.90 -5.56 9.76
C VAL A 5 -13.71 -4.40 10.72
N GLN A 6 -13.15 -3.30 10.21
CA GLN A 6 -12.75 -2.17 11.04
C GLN A 6 -13.40 -0.88 10.55
N SER A 7 -13.36 0.13 11.42
CA SER A 7 -13.90 1.44 11.10
C SER A 7 -12.96 2.18 10.15
N GLY A 8 -13.45 3.30 9.61
CA GLY A 8 -12.75 4.01 8.56
C GLY A 8 -11.66 4.93 9.07
N GLY A 9 -10.80 5.34 8.13
CA GLY A 9 -9.73 6.26 8.45
C GLY A 9 -10.23 7.64 8.78
N ALA A 10 -9.42 8.38 9.53
CA ALA A 10 -9.85 9.69 10.01
C ALA A 10 -8.64 10.57 10.30
N LEU A 11 -8.91 11.87 10.35
CA LEU A 11 -7.93 12.88 10.74
C LEU A 11 -8.38 13.51 12.04
N VAL A 12 -7.46 13.62 13.01
CA VAL A 12 -7.74 14.28 14.28
C VAL A 12 -6.53 15.15 14.64
N GLN A 13 -6.79 16.09 15.55
CA GLN A 13 -5.79 17.08 15.94
C GLN A 13 -5.03 16.61 17.18
N PRO A 14 -3.85 17.18 17.42
CA PRO A 14 -3.09 16.78 18.62
C PRO A 14 -3.88 17.01 19.89
N GLY A 15 -3.78 16.05 20.82
CA GLY A 15 -4.46 16.13 22.09
C GLY A 15 -5.87 15.60 22.09
N ALA A 16 -6.37 15.13 20.95
CA ALA A 16 -7.75 14.66 20.86
C ALA A 16 -7.86 13.21 21.34
N SER A 17 -9.08 12.85 21.73
CA SER A 17 -9.42 11.46 22.04
C SER A 17 -10.21 10.87 20.87
N LEU A 18 -9.93 9.62 20.54
CA LEU A 18 -10.54 8.97 19.40
C LEU A 18 -10.73 7.49 19.70
N ARG A 19 -11.86 6.95 19.25
CA ARG A 19 -12.21 5.55 19.46
C ARG A 19 -12.27 4.83 18.11
N LEU A 20 -11.56 3.71 18.02
CA LEU A 20 -11.65 2.83 16.87
C LEU A 20 -12.53 1.63 17.23
N SER A 21 -13.02 0.94 16.19
CA SER A 21 -13.90 -0.20 16.39
C SER A 21 -13.56 -1.30 15.39
N CYS A 22 -13.77 -2.54 15.82
CA CYS A 22 -13.48 -3.72 15.01
C CYS A 22 -14.51 -4.79 15.36
N ALA A 23 -15.00 -5.49 14.34
CA ALA A 23 -16.04 -6.49 14.52
C ALA A 23 -15.61 -7.79 13.85
N ALA A 24 -16.10 -8.90 14.41
CA ALA A 24 -15.72 -10.24 13.97
C ALA A 24 -16.81 -10.86 13.11
N SER A 25 -16.41 -11.74 12.20
CA SER A 25 -17.29 -12.49 11.28
C SER A 25 -16.91 -13.98 11.35
N GLU A 26 -17.85 -14.89 11.66
CA GLU A 26 -17.75 -16.37 11.77
C GLU A 26 -17.01 -16.86 13.01
N PHE A 27 -16.72 -16.00 13.98
CA PHE A 27 -16.09 -16.37 15.27
C PHE A 27 -16.51 -15.31 16.28
N SER A 28 -16.34 -15.62 17.54
CA SER A 28 -16.76 -14.80 18.66
C SER A 28 -15.57 -14.22 19.39
N PHE A 29 -15.69 -12.95 19.79
CA PHE A 29 -14.66 -12.30 20.60
C PHE A 29 -14.59 -12.88 22.01
N SER A 30 -15.62 -13.59 22.46
CA SER A 30 -15.67 -14.05 23.85
C SER A 30 -14.77 -15.25 24.10
N THR A 31 -14.31 -15.93 23.05
CA THR A 31 -13.47 -17.12 23.20
C THR A 31 -12.10 -16.95 22.52
N HIS A 32 -11.72 -15.73 22.14
CA HIS A 32 -10.43 -15.49 21.51
C HIS A 32 -9.84 -14.20 22.07
N ASP A 33 -8.56 -14.24 22.44
CA ASP A 33 -7.88 -13.02 22.84
C ASP A 33 -7.66 -12.13 21.62
N MET A 34 -7.87 -10.83 21.79
CA MET A 34 -7.81 -9.86 20.71
C MET A 34 -6.77 -8.81 21.03
N HIS A 35 -6.24 -8.18 19.98
CA HIS A 35 -5.14 -7.24 20.13
C HIS A 35 -5.27 -6.12 19.10
N TRP A 36 -4.54 -5.04 19.35
CA TRP A 36 -4.37 -3.96 18.39
C TRP A 36 -2.89 -3.80 18.11
N VAL A 37 -2.53 -3.74 16.83
CA VAL A 37 -1.15 -3.60 16.38
C VAL A 37 -1.12 -2.50 15.33
N ARG A 38 -0.19 -1.56 15.47
CA ARG A 38 -0.13 -0.40 14.60
C ARG A 38 1.15 -0.41 13.78
N GLN A 39 1.12 0.30 12.66
CA GLN A 39 2.25 0.37 11.74
C GLN A 39 2.34 1.82 11.26
N ALA A 40 3.32 2.55 11.77
CA ALA A 40 3.51 3.92 11.34
C ALA A 40 3.87 3.96 9.86
N PRO A 41 3.58 5.07 9.17
CA PRO A 41 3.88 5.12 7.73
C PRO A 41 5.35 4.89 7.45
N GLY A 42 5.62 3.87 6.63
CA GLY A 42 7.00 3.53 6.28
C GLY A 42 7.78 2.87 7.39
N LYS A 43 7.11 2.30 8.39
CA LYS A 43 7.78 1.72 9.54
C LYS A 43 7.33 0.28 9.75
N GLY A 44 7.79 -0.33 10.85
CA GLY A 44 7.44 -1.71 11.16
C GLY A 44 6.20 -1.81 12.03
N LEU A 45 6.08 -2.95 12.70
CA LEU A 45 4.89 -3.27 13.48
C LEU A 45 5.16 -3.08 14.97
N GLU A 46 4.15 -2.59 15.68
CA GLU A 46 4.23 -2.38 17.13
C GLU A 46 2.92 -2.80 17.76
N TRP A 47 2.99 -3.78 18.67
CA TRP A 47 1.82 -4.16 19.45
C TRP A 47 1.54 -3.09 20.51
N VAL A 48 0.27 -2.72 20.65
CA VAL A 48 -0.10 -1.61 21.53
C VAL A 48 -1.21 -1.94 22.51
N SER A 49 -1.97 -3.02 22.36
CA SER A 49 -3.03 -3.32 23.31
C SER A 49 -3.50 -4.76 23.11
N GLY A 50 -3.87 -5.39 24.22
CA GLY A 50 -4.39 -6.75 24.18
C GLY A 50 -5.38 -6.99 25.31
N ILE A 51 -6.29 -7.93 25.08
CA ILE A 51 -7.29 -8.29 26.07
C ILE A 51 -7.52 -9.80 26.01
N ASN A 52 -7.51 -10.45 27.17
CA ASN A 52 -7.73 -11.88 27.25
C ASN A 52 -9.23 -12.18 27.37
N ILE A 53 -9.59 -13.46 27.35
CA ILE A 53 -11.00 -13.84 27.40
C ILE A 53 -11.63 -13.41 28.71
N HIS A 54 -10.86 -13.39 29.80
CA HIS A 54 -11.41 -12.94 31.08
C HIS A 54 -11.80 -11.46 31.04
N GLY A 55 -11.18 -10.68 30.17
CA GLY A 55 -11.35 -9.24 30.16
C GLY A 55 -10.17 -8.46 30.69
N GLY A 56 -9.12 -9.13 31.15
CA GLY A 56 -7.92 -8.42 31.57
C GLY A 56 -7.18 -7.85 30.38
N THR A 57 -6.54 -6.69 30.60
CA THR A 57 -5.92 -5.92 29.54
C THR A 57 -4.41 -5.84 29.74
N TYR A 58 -3.70 -5.67 28.62
CA TYR A 58 -2.24 -5.52 28.62
C TYR A 58 -1.87 -4.33 27.74
N TYR A 59 -0.85 -3.59 28.18
CA TYR A 59 -0.39 -2.42 27.43
C TYR A 59 1.13 -2.30 27.55
N PRO A 60 1.80 -1.87 26.48
CA PRO A 60 3.23 -1.54 26.61
C PRO A 60 3.41 -0.14 27.17
N ASP A 61 4.59 0.07 27.78
CA ASP A 61 4.87 1.36 28.40
C ASP A 61 4.79 2.52 27.41
N SER A 62 4.90 2.24 26.11
CA SER A 62 4.89 3.32 25.13
C SER A 62 3.54 4.03 25.07
N VAL A 63 2.45 3.31 25.36
CA VAL A 63 1.10 3.88 25.28
C VAL A 63 0.28 3.62 26.53
N LYS A 64 0.83 2.94 27.54
CA LYS A 64 0.07 2.70 28.76
C LYS A 64 -0.29 4.03 29.40
N GLY A 65 -1.54 4.14 29.85
CA GLY A 65 -2.07 5.37 30.39
C GLY A 65 -2.80 6.23 29.39
N ARG A 66 -2.62 6.01 28.10
CA ARG A 66 -3.32 6.75 27.05
C ARG A 66 -4.28 5.90 26.23
N PHE A 67 -4.00 4.61 26.07
CA PHE A 67 -4.84 3.72 25.29
C PHE A 67 -5.63 2.81 26.22
N THR A 68 -6.88 2.53 25.84
CA THR A 68 -7.74 1.61 26.58
C THR A 68 -8.42 0.68 25.59
N ILE A 69 -8.22 -0.62 25.76
CA ILE A 69 -8.89 -1.63 24.95
C ILE A 69 -10.09 -2.16 25.73
N SER A 70 -11.22 -2.31 25.06
CA SER A 70 -12.43 -2.81 25.69
C SER A 70 -13.19 -3.65 24.66
N ARG A 71 -14.21 -4.36 25.16
CA ARG A 71 -14.89 -5.38 24.37
C ARG A 71 -16.35 -5.46 24.79
N ASP A 72 -17.23 -5.68 23.81
CA ASP A 72 -18.66 -5.89 24.06
C ASP A 72 -19.09 -7.06 23.17
N SER A 73 -18.90 -8.29 23.67
CA SER A 73 -19.15 -9.48 22.87
C SER A 73 -20.61 -9.55 22.42
N ALA A 74 -21.54 -9.23 23.32
CA ALA A 74 -22.95 -9.26 22.95
C ALA A 74 -23.24 -8.36 21.76
N LYS A 75 -22.50 -7.26 21.62
CA LYS A 75 -22.61 -6.36 20.49
C LYS A 75 -21.61 -6.69 19.38
N ASN A 76 -20.77 -7.70 19.58
CA ASN A 76 -19.74 -8.08 18.61
C ASN A 76 -18.88 -6.87 18.25
N SER A 77 -18.26 -6.29 19.27
CA SER A 77 -17.49 -5.07 19.10
C SER A 77 -16.22 -5.15 19.92
N LEU A 78 -15.11 -4.75 19.31
CA LEU A 78 -13.84 -4.53 19.98
C LEU A 78 -13.45 -3.07 19.79
N TYR A 79 -12.98 -2.44 20.86
CA TYR A 79 -12.72 -1.00 20.85
C TYR A 79 -11.28 -0.70 21.26
N LEU A 80 -10.75 0.39 20.71
CA LEU A 80 -9.51 0.98 21.17
C LEU A 80 -9.76 2.47 21.38
N GLN A 81 -9.76 2.90 22.64
CA GLN A 81 -9.93 4.31 22.98
C GLN A 81 -8.57 4.93 23.20
N MET A 82 -8.22 5.92 22.37
CA MET A 82 -6.95 6.61 22.44
C MET A 82 -7.18 8.04 22.93
N SER A 83 -6.24 8.54 23.74
CA SER A 83 -6.34 9.88 24.30
C SER A 83 -4.99 10.57 24.21
N SER A 84 -5.03 11.90 24.28
CA SER A 84 -3.82 12.72 24.22
C SER A 84 -2.97 12.33 23.01
N LEU A 85 -3.61 12.25 21.84
CA LEU A 85 -2.93 11.85 20.62
C LEU A 85 -1.90 12.89 20.20
N ARG A 86 -0.81 12.42 19.60
CA ARG A 86 0.24 13.29 19.09
C ARG A 86 0.74 12.74 17.76
N ASP A 87 1.59 13.54 17.10
CA ASP A 87 2.07 13.19 15.76
C ASP A 87 2.60 11.76 15.72
N GLY A 88 3.36 11.36 16.75
CA GLY A 88 3.93 10.02 16.79
C GLY A 88 2.90 8.91 16.73
N ASP A 89 1.62 9.21 16.92
CA ASP A 89 0.57 8.20 16.87
C ASP A 89 0.03 7.96 15.47
N THR A 90 0.44 8.75 14.48
CA THR A 90 0.03 8.50 13.11
C THR A 90 0.46 7.11 12.68
N ALA A 91 -0.50 6.28 12.25
CA ALA A 91 -0.20 4.91 11.87
C ALA A 91 -1.48 4.26 11.37
N VAL A 92 -1.32 3.10 10.73
CA VAL A 92 -2.43 2.21 10.43
C VAL A 92 -2.61 1.27 11.61
N TYR A 93 -3.84 1.16 12.10
CA TYR A 93 -4.15 0.36 13.27
C TYR A 93 -4.90 -0.90 12.85
N PHE A 94 -4.28 -2.06 13.08
CA PHE A 94 -4.89 -3.34 12.81
C PHE A 94 -5.44 -3.94 14.10
N CYS A 95 -6.65 -4.49 14.04
CA CYS A 95 -7.08 -5.45 15.06
C CYS A 95 -6.64 -6.84 14.62
N ALA A 96 -6.22 -7.64 15.59
CA ALA A 96 -5.62 -8.94 15.30
C ALA A 96 -6.05 -9.94 16.35
N ARG A 97 -6.28 -11.18 15.91
CA ARG A 97 -6.70 -12.26 16.79
C ARG A 97 -5.49 -13.08 17.21
N GLY A 98 -5.41 -13.39 18.50
CA GLY A 98 -4.30 -14.20 18.98
C GLY A 98 -4.41 -15.63 18.51
N GLY A 99 -3.25 -16.23 18.19
CA GLY A 99 -3.23 -17.59 17.71
C GLY A 99 -3.25 -18.61 18.82
N LYS A 100 -3.63 -19.84 18.45
CA LYS A 100 -3.75 -20.92 19.41
C LYS A 100 -2.41 -21.20 20.07
N PRO A 101 -2.32 -21.25 21.40
CA PRO A 101 -1.05 -21.56 22.04
C PRO A 101 -0.70 -23.03 21.95
N ILE A 102 0.61 -23.31 21.98
CA ILE A 102 1.09 -24.68 22.07
C ILE A 102 1.42 -25.09 23.50
N TYR A 103 1.62 -24.12 24.40
CA TYR A 103 1.81 -24.41 25.81
C TYR A 103 0.48 -24.30 26.55
N TYR A 104 0.41 -24.98 27.69
CA TYR A 104 -0.83 -25.01 28.48
C TYR A 104 -1.23 -23.61 28.93
N TYR A 108 -5.32 -16.60 28.18
N TYR A 108 -4.70 -16.73 28.59
CA TYR A 108 -4.11 -15.78 28.18
CA TYR A 108 -3.52 -15.88 28.39
C TYR A 108 -3.40 -15.89 26.83
C TYR A 108 -3.10 -15.93 26.92
N PRO A 109 -2.94 -14.76 26.29
CA PRO A 109 -2.52 -14.75 24.88
C PRO A 109 -1.18 -15.43 24.66
N SER A 110 -1.06 -16.04 23.47
CA SER A 110 0.22 -16.55 22.99
C SER A 110 1.12 -15.43 22.46
N TRP A 111 0.53 -14.30 22.07
CA TRP A 111 1.19 -13.09 21.58
C TRP A 111 1.55 -13.18 20.10
N TYR A 112 1.20 -14.26 19.40
CA TYR A 112 1.27 -14.30 17.95
C TYR A 112 -0.14 -14.26 17.39
N PHE A 113 -0.28 -13.76 16.15
CA PHE A 113 -1.57 -13.37 15.61
C PHE A 113 -1.83 -14.13 14.32
N ASP A 114 -2.92 -14.89 14.28
CA ASP A 114 -3.26 -15.71 13.13
C ASP A 114 -4.27 -15.06 12.19
N LEU A 115 -4.85 -13.92 12.58
CA LEU A 115 -5.84 -13.26 11.75
C LEU A 115 -5.73 -11.75 11.96
N TRP A 116 -5.74 -11.00 10.86
CA TRP A 116 -5.59 -9.55 10.89
C TRP A 116 -6.75 -8.89 10.16
N GLY A 117 -7.11 -7.69 10.61
CA GLY A 117 -8.08 -6.87 9.92
C GLY A 117 -7.42 -6.05 8.82
N PRO A 118 -8.23 -5.34 8.03
CA PRO A 118 -7.67 -4.55 6.93
C PRO A 118 -6.95 -3.29 7.38
N GLY A 119 -7.09 -2.88 8.63
CA GLY A 119 -6.38 -1.72 9.14
C GLY A 119 -7.18 -0.45 9.04
N THR A 120 -6.97 0.43 10.03
CA THR A 120 -7.61 1.75 10.07
C THR A 120 -6.53 2.83 10.03
N PRO A 121 -6.44 3.64 8.98
CA PRO A 121 -5.38 4.65 8.90
C PRO A 121 -5.77 5.92 9.66
N ILE A 122 -4.99 6.24 10.70
CA ILE A 122 -5.23 7.41 11.54
C ILE A 122 -4.07 8.38 11.34
N THR A 123 -4.39 9.62 10.98
CA THR A 123 -3.41 10.69 10.85
C THR A 123 -3.67 11.74 11.92
N ILE A 124 -2.63 12.13 12.64
CA ILE A 124 -2.70 13.21 13.61
C ILE A 124 -1.97 14.41 13.02
N SER A 125 -2.70 15.51 12.87
CA SER A 125 -2.16 16.73 12.28
C SER A 125 -3.05 17.89 12.64
N SER A 126 -2.49 19.09 12.52
CA SER A 126 -3.23 20.32 12.77
C SER A 126 -3.97 20.85 11.55
N ALA A 127 -3.71 20.29 10.38
CA ALA A 127 -4.42 20.71 9.17
C ALA A 127 -5.84 20.14 9.16
N SER A 128 -6.64 20.64 8.23
CA SER A 128 -8.02 20.19 8.06
C SER A 128 -8.12 19.23 6.88
N THR A 129 -9.22 18.48 6.83
CA THR A 129 -9.46 17.55 5.75
C THR A 129 -9.88 18.28 4.48
N LYS A 130 -9.62 17.66 3.34
CA LYS A 130 -10.04 18.19 2.05
C LYS A 130 -10.24 17.02 1.10
N GLY A 131 -11.44 16.91 0.53
CA GLY A 131 -11.75 15.84 -0.38
C GLY A 131 -11.12 16.05 -1.74
N PRO A 132 -10.90 14.97 -2.49
CA PRO A 132 -10.21 15.08 -3.77
C PRO A 132 -11.13 15.55 -4.90
N SER A 133 -10.49 16.09 -5.93
CA SER A 133 -11.14 16.37 -7.20
C SER A 133 -10.71 15.31 -8.20
N VAL A 134 -11.68 14.70 -8.89
CA VAL A 134 -11.44 13.56 -9.76
C VAL A 134 -11.66 14.01 -11.20
N PHE A 135 -10.64 13.80 -12.04
CA PHE A 135 -10.71 14.13 -13.45
C PHE A 135 -10.36 12.90 -14.29
N PRO A 136 -10.98 12.74 -15.45
CA PRO A 136 -10.72 11.55 -16.26
C PRO A 136 -9.44 11.65 -17.07
N LEU A 137 -8.81 10.50 -17.28
CA LEU A 137 -7.69 10.34 -18.22
C LEU A 137 -8.25 9.58 -19.41
N ALA A 138 -8.75 10.30 -20.40
CA ALA A 138 -9.49 9.68 -21.48
C ALA A 138 -8.57 8.90 -22.39
N PRO A 139 -8.98 7.72 -22.86
CA PRO A 139 -8.17 6.99 -23.84
C PRO A 139 -8.19 7.69 -25.19
N SER A 140 -7.01 7.84 -25.79
CA SER A 140 -6.86 8.55 -27.05
C SER A 140 -5.93 7.75 -27.96
N SER A 141 -5.66 8.30 -29.14
CA SER A 141 -4.70 7.69 -30.04
C SER A 141 -3.28 7.73 -29.47
N LYS A 142 -3.02 8.63 -28.53
CA LYS A 142 -1.71 8.74 -27.89
C LYS A 142 -1.58 7.84 -26.66
N SER A 143 -2.59 7.01 -26.37
CA SER A 143 -2.52 6.08 -25.26
C SER A 143 -2.89 4.67 -25.71
N THR A 144 -2.59 4.33 -26.96
CA THR A 144 -2.87 3.02 -27.51
C THR A 144 -1.59 2.36 -27.99
N SER A 145 -1.65 1.03 -28.14
CA SER A 145 -0.50 0.26 -28.62
C SER A 145 -0.90 -1.18 -28.91
N GLY A 146 -0.67 -1.61 -30.15
CA GLY A 146 -0.89 -3.01 -30.49
C GLY A 146 -2.28 -3.53 -30.16
N GLY A 147 -3.29 -2.69 -30.31
CA GLY A 147 -4.66 -3.09 -30.07
C GLY A 147 -5.12 -2.95 -28.63
N THR A 148 -4.32 -2.34 -27.76
CA THR A 148 -4.71 -2.08 -26.39
C THR A 148 -4.72 -0.58 -26.13
N ALA A 149 -5.48 -0.18 -25.13
CA ALA A 149 -5.65 1.23 -24.79
C ALA A 149 -5.54 1.40 -23.29
N ALA A 150 -4.95 2.53 -22.88
CA ALA A 150 -4.80 2.88 -21.47
C ALA A 150 -5.74 4.04 -21.15
N LEU A 151 -6.35 3.97 -19.97
CA LEU A 151 -7.21 5.02 -19.48
C LEU A 151 -7.11 5.03 -17.96
N GLY A 152 -7.65 6.07 -17.34
CA GLY A 152 -7.59 6.18 -15.89
C GLY A 152 -8.31 7.39 -15.37
N CYS A 153 -8.01 7.72 -14.10
N CYS A 153 -8.04 7.73 -14.10
CA CYS A 153 -8.57 8.85 -13.39
CA CYS A 153 -8.60 8.96 -13.56
C CYS A 153 -7.46 9.57 -12.64
C CYS A 153 -7.63 9.56 -12.55
N LEU A 154 -7.58 10.89 -12.53
CA LEU A 154 -6.64 11.68 -11.75
C LEU A 154 -7.33 12.16 -10.48
N VAL A 155 -6.74 11.85 -9.32
CA VAL A 155 -7.30 12.21 -8.02
C VAL A 155 -6.37 13.26 -7.41
N LYS A 156 -6.81 14.52 -7.40
CA LYS A 156 -5.95 15.65 -7.12
C LYS A 156 -6.44 16.45 -5.92
N ASP A 157 -5.49 16.90 -5.10
CA ASP A 157 -5.72 17.90 -4.05
C ASP A 157 -6.65 17.33 -2.96
N TYR A 158 -6.07 16.47 -2.13
CA TYR A 158 -6.78 15.94 -0.98
C TYR A 158 -5.84 15.82 0.21
N PHE A 159 -6.43 15.68 1.40
CA PHE A 159 -5.67 15.52 2.63
C PHE A 159 -6.59 14.98 3.71
N PRO A 160 -6.14 14.01 4.53
CA PRO A 160 -4.85 13.32 4.46
C PRO A 160 -4.92 12.08 3.57
N GLU A 161 -3.94 11.21 3.69
CA GLU A 161 -4.04 9.89 3.06
C GLU A 161 -4.90 8.96 3.91
N PRO A 162 -5.41 7.88 3.33
CA PRO A 162 -5.33 7.49 1.92
C PRO A 162 -6.64 7.70 1.16
N VAL A 163 -6.57 7.68 -0.16
CA VAL A 163 -7.75 7.51 -1.01
C VAL A 163 -7.65 6.11 -1.62
N THR A 164 -8.81 5.45 -1.73
CA THR A 164 -8.89 4.14 -2.34
C THR A 164 -9.60 4.27 -3.69
N VAL A 165 -9.12 3.51 -4.67
CA VAL A 165 -9.66 3.56 -6.02
C VAL A 165 -9.98 2.13 -6.45
N SER A 166 -11.20 1.93 -6.94
CA SER A 166 -11.60 0.69 -7.59
C SER A 166 -12.16 1.03 -8.96
N TRP A 167 -12.39 -0.01 -9.77
CA TRP A 167 -12.90 0.15 -11.12
C TRP A 167 -14.13 -0.73 -11.30
N ASN A 168 -15.22 -0.13 -11.78
CA ASN A 168 -16.47 -0.84 -11.99
C ASN A 168 -16.92 -1.57 -10.73
N SER A 169 -16.83 -0.87 -9.60
CA SER A 169 -17.28 -1.40 -8.30
C SER A 169 -16.56 -2.70 -7.96
N GLY A 170 -15.29 -2.80 -8.33
CA GLY A 170 -14.48 -3.96 -8.01
C GLY A 170 -14.50 -5.07 -9.03
N ALA A 171 -15.30 -4.94 -10.09
CA ALA A 171 -15.37 -5.98 -11.11
C ALA A 171 -14.17 -5.97 -12.05
N LEU A 172 -13.47 -4.84 -12.15
CA LEU A 172 -12.32 -4.71 -13.04
C LEU A 172 -11.06 -4.53 -12.18
N THR A 173 -10.21 -5.54 -12.18
CA THR A 173 -8.97 -5.53 -11.40
C THR A 173 -7.75 -5.82 -12.25
N SER A 174 -7.86 -6.70 -13.25
CA SER A 174 -6.70 -7.07 -14.05
C SER A 174 -6.15 -5.86 -14.79
N GLY A 175 -4.83 -5.68 -14.72
CA GLY A 175 -4.17 -4.60 -15.43
C GLY A 175 -4.32 -3.23 -14.81
N VAL A 176 -4.79 -3.14 -13.58
CA VAL A 176 -4.94 -1.85 -12.90
C VAL A 176 -3.65 -1.51 -12.19
N HIS A 177 -3.27 -0.22 -12.26
CA HIS A 177 -2.12 0.30 -11.53
C HIS A 177 -2.55 1.57 -10.81
N THR A 178 -2.54 1.54 -9.49
CA THR A 178 -2.83 2.71 -8.66
C THR A 178 -1.52 3.16 -8.02
N PHE A 179 -1.03 4.32 -8.42
CA PHE A 179 0.30 4.77 -8.04
C PHE A 179 0.30 5.34 -6.62
N PRO A 180 1.41 5.19 -5.89
CA PRO A 180 1.53 5.86 -4.59
C PRO A 180 1.32 7.36 -4.73
N ALA A 181 0.72 7.95 -3.70
CA ALA A 181 0.42 9.37 -3.74
C ALA A 181 1.71 10.20 -3.71
N VAL A 182 1.63 11.38 -4.32
N VAL A 182 1.64 11.38 -4.34
CA VAL A 182 2.72 12.34 -4.34
CA VAL A 182 2.74 12.33 -4.32
C VAL A 182 2.32 13.54 -3.50
C VAL A 182 2.32 13.54 -3.50
N LEU A 183 3.29 14.12 -2.80
CA LEU A 183 3.06 15.30 -1.97
C LEU A 183 3.30 16.55 -2.80
N GLN A 184 2.28 17.40 -2.90
CA GLN A 184 2.38 18.64 -3.65
C GLN A 184 2.94 19.75 -2.77
N SER A 185 3.41 20.80 -3.42
CA SER A 185 4.03 21.91 -2.69
C SER A 185 3.05 22.56 -1.73
N SER A 186 1.74 22.47 -2.02
CA SER A 186 0.72 23.05 -1.15
C SER A 186 0.48 22.23 0.11
N GLY A 187 1.09 21.04 0.22
CA GLY A 187 0.84 20.15 1.34
C GLY A 187 -0.26 19.13 1.10
N LEU A 188 -0.95 19.21 -0.04
CA LEU A 188 -1.98 18.25 -0.39
C LEU A 188 -1.39 17.11 -1.21
N TYR A 189 -2.15 16.02 -1.31
CA TYR A 189 -1.72 14.83 -2.03
C TYR A 189 -2.41 14.72 -3.38
N SER A 190 -1.82 13.90 -4.25
CA SER A 190 -2.42 13.56 -5.54
C SER A 190 -1.93 12.19 -5.96
N LEU A 191 -2.79 11.47 -6.67
CA LEU A 191 -2.39 10.22 -7.30
C LEU A 191 -3.20 10.01 -8.56
N SER A 192 -2.85 8.95 -9.29
CA SER A 192 -3.60 8.54 -10.47
C SER A 192 -3.79 7.03 -10.44
N SER A 193 -4.83 6.58 -11.13
CA SER A 193 -5.11 5.16 -11.31
C SER A 193 -5.38 4.91 -12.78
N VAL A 194 -4.70 3.91 -13.35
CA VAL A 194 -4.80 3.62 -14.78
C VAL A 194 -5.10 2.14 -14.97
N VAL A 195 -5.60 1.82 -16.16
CA VAL A 195 -5.88 0.45 -16.55
C VAL A 195 -5.73 0.32 -18.05
N THR A 196 -5.31 -0.87 -18.50
CA THR A 196 -5.17 -1.18 -19.92
C THR A 196 -6.32 -2.09 -20.33
N VAL A 197 -6.99 -1.73 -21.43
CA VAL A 197 -8.15 -2.46 -21.90
C VAL A 197 -8.05 -2.66 -23.42
N PRO A 198 -8.84 -3.55 -24.01
CA PRO A 198 -8.84 -3.69 -25.47
C PRO A 198 -9.39 -2.42 -26.12
N SER A 199 -8.68 -1.96 -27.15
CA SER A 199 -9.15 -0.79 -27.89
C SER A 199 -10.45 -1.06 -28.64
N SER A 200 -10.65 -2.31 -29.10
CA SER A 200 -11.79 -2.63 -29.95
C SER A 200 -13.11 -2.58 -29.19
N SER A 201 -13.09 -2.73 -27.87
CA SER A 201 -14.31 -2.77 -27.07
CA SER A 201 -14.31 -2.77 -27.07
C SER A 201 -14.62 -1.44 -26.40
N LEU A 202 -13.90 -0.38 -26.73
CA LEU A 202 -14.13 0.91 -26.10
C LEU A 202 -15.53 1.45 -26.37
N GLY A 203 -16.21 0.97 -27.40
CA GLY A 203 -17.53 1.45 -27.72
C GLY A 203 -18.64 0.73 -26.99
N THR A 204 -18.37 -0.51 -26.55
CA THR A 204 -19.38 -1.35 -25.92
C THR A 204 -19.24 -1.48 -24.41
N GLN A 205 -18.04 -1.30 -23.87
CA GLN A 205 -17.79 -1.44 -22.44
C GLN A 205 -17.81 -0.08 -21.76
N THR A 206 -18.16 -0.09 -20.48
CA THR A 206 -18.17 1.11 -19.65
C THR A 206 -17.09 0.98 -18.58
N TYR A 207 -16.38 2.08 -18.33
CA TYR A 207 -15.27 2.11 -17.38
C TYR A 207 -15.47 3.27 -16.42
N ILE A 208 -15.72 2.95 -15.16
CA ILE A 208 -15.98 3.92 -14.12
C ILE A 208 -14.99 3.67 -12.98
N CYS A 209 -14.27 4.72 -12.58
CA CYS A 209 -13.36 4.63 -11.45
C CYS A 209 -14.07 5.14 -10.20
N ASN A 210 -14.01 4.36 -9.13
CA ASN A 210 -14.69 4.67 -7.88
C ASN A 210 -13.66 5.16 -6.87
N VAL A 211 -13.78 6.41 -6.46
CA VAL A 211 -12.86 7.03 -5.51
C VAL A 211 -13.56 7.17 -4.17
N ASN A 212 -12.84 6.86 -3.10
CA ASN A 212 -13.38 6.94 -1.74
C ASN A 212 -12.32 7.54 -0.84
N HIS A 213 -12.66 8.64 -0.17
CA HIS A 213 -11.78 9.31 0.79
C HIS A 213 -12.53 9.37 2.11
N LYS A 214 -12.36 8.33 2.93
CA LYS A 214 -13.12 8.23 4.16
C LYS A 214 -12.86 9.37 5.14
N PRO A 215 -11.64 9.86 5.32
CA PRO A 215 -11.42 10.96 6.27
C PRO A 215 -12.32 12.17 6.02
N SER A 216 -12.73 12.41 4.79
CA SER A 216 -13.63 13.52 4.47
C SER A 216 -15.01 13.06 4.04
N ASN A 217 -15.29 11.76 4.13
CA ASN A 217 -16.60 11.21 3.74
C ASN A 217 -16.97 11.66 2.32
N THR A 218 -16.02 11.52 1.40
CA THR A 218 -16.21 11.84 0.00
C THR A 218 -16.19 10.56 -0.83
N LYS A 219 -17.20 10.38 -1.66
CA LYS A 219 -17.25 9.28 -2.63
C LYS A 219 -17.58 9.86 -3.99
N VAL A 220 -16.79 9.49 -5.00
CA VAL A 220 -16.95 10.02 -6.35
C VAL A 220 -16.88 8.87 -7.34
N ASP A 221 -17.80 8.85 -8.29
CA ASP A 221 -17.80 7.90 -9.40
C ASP A 221 -17.73 8.70 -10.70
N LYS A 222 -16.64 8.52 -11.44
CA LYS A 222 -16.38 9.28 -12.66
C LYS A 222 -16.37 8.31 -13.84
N ARG A 223 -17.22 8.59 -14.83
CA ARG A 223 -17.22 7.82 -16.07
C ARG A 223 -16.09 8.31 -16.97
N VAL A 224 -15.28 7.37 -17.45
CA VAL A 224 -14.13 7.68 -18.31
C VAL A 224 -14.49 7.26 -19.72
N GLU A 225 -14.68 8.23 -20.61
CA GLU A 225 -15.07 7.96 -21.99
C GLU A 225 -14.00 8.48 -22.95
N PRO A 226 -13.87 7.88 -24.13
CA PRO A 226 -12.92 8.40 -25.12
C PRO A 226 -13.29 9.81 -25.55
N LYS A 227 -12.30 10.54 -26.07
CA LYS A 227 -12.51 11.90 -26.52
C LYS A 227 -11.80 12.14 -27.86
N ASP B 1 13.20 -4.32 26.82
CA ASP B 1 12.57 -5.07 25.70
C ASP B 1 13.62 -5.82 24.89
N VAL B 2 13.18 -6.84 24.16
CA VAL B 2 14.06 -7.61 23.29
C VAL B 2 14.13 -6.92 21.95
N VAL B 3 15.35 -6.72 21.45
CA VAL B 3 15.59 -6.09 20.15
C VAL B 3 15.77 -7.20 19.13
N MET B 4 14.97 -7.15 18.07
CA MET B 4 15.05 -8.12 16.99
C MET B 4 15.72 -7.47 15.79
N THR B 5 16.81 -8.07 15.32
CA THR B 5 17.55 -7.58 14.16
C THR B 5 17.40 -8.56 13.01
N GLN B 6 17.19 -8.02 11.82
CA GLN B 6 17.14 -8.80 10.58
C GLN B 6 18.15 -8.21 9.61
N SER B 7 18.93 -9.06 8.97
CA SER B 7 19.93 -8.60 8.02
C SER B 7 20.04 -9.59 6.87
N PRO B 8 20.22 -9.12 5.62
CA PRO B 8 20.25 -7.70 5.24
C PRO B 8 18.85 -7.11 5.15
N GLY B 9 18.77 -5.79 4.95
CA GLY B 9 17.48 -5.14 4.83
C GLY B 9 16.81 -5.28 3.49
N PHE B 10 17.51 -5.81 2.49
CA PHE B 10 16.96 -5.90 1.13
C PHE B 10 17.71 -7.00 0.39
N ARG B 11 16.95 -7.84 -0.33
CA ARG B 11 17.50 -8.92 -1.12
C ARG B 11 16.86 -8.90 -2.51
N SER B 12 17.69 -9.16 -3.53
CA SER B 12 17.22 -9.26 -4.91
C SER B 12 17.63 -10.62 -5.45
N VAL B 13 16.65 -11.44 -5.82
CA VAL B 13 16.88 -12.84 -6.12
C VAL B 13 16.11 -13.25 -7.38
N THR B 14 16.66 -14.22 -8.09
CA THR B 14 16.08 -14.75 -9.31
C THR B 14 14.99 -15.78 -8.98
N LEU B 15 14.02 -15.88 -9.89
CA LEU B 15 12.96 -16.86 -9.74
C LEU B 15 13.54 -18.28 -9.63
N LYS B 16 12.87 -19.10 -8.82
CA LYS B 16 13.18 -20.51 -8.63
C LYS B 16 14.42 -20.75 -7.77
N GLU B 17 15.12 -19.70 -7.35
CA GLU B 17 16.28 -19.85 -6.50
C GLU B 17 15.85 -20.03 -5.05
N LYS B 18 16.80 -20.42 -4.21
CA LYS B 18 16.58 -20.58 -2.78
C LYS B 18 17.11 -19.35 -2.05
N VAL B 19 16.32 -18.85 -1.10
CA VAL B 19 16.70 -17.68 -0.31
C VAL B 19 16.55 -18.02 1.17
N SER B 20 17.46 -17.48 1.98
CA SER B 20 17.40 -17.61 3.42
C SER B 20 17.63 -16.24 4.04
N ILE B 21 16.66 -15.77 4.81
CA ILE B 21 16.76 -14.52 5.54
C ILE B 21 16.86 -14.84 7.02
N THR B 22 17.63 -14.03 7.74
CA THR B 22 17.99 -14.31 9.12
C THR B 22 17.36 -13.29 10.06
N CYS B 23 17.24 -13.70 11.32
CA CYS B 23 16.69 -12.89 12.39
C CYS B 23 17.46 -13.22 13.66
N GLN B 24 17.85 -12.20 14.41
CA GLN B 24 18.64 -12.40 15.63
C GLN B 24 18.03 -11.60 16.78
N ALA B 25 17.91 -12.26 17.94
CA ALA B 25 17.35 -11.65 19.13
C ALA B 25 18.48 -11.24 20.08
N SER B 26 18.29 -10.12 20.77
CA SER B 26 19.30 -9.62 21.70
C SER B 26 19.44 -10.49 22.95
N GLN B 27 18.58 -11.48 23.13
CA GLN B 27 18.72 -12.42 24.23
C GLN B 27 17.96 -13.70 23.88
N THR B 28 18.23 -14.75 24.64
CA THR B 28 17.65 -16.06 24.35
C THR B 28 16.13 -16.00 24.43
N ILE B 29 15.47 -16.54 23.41
CA ILE B 29 14.01 -16.57 23.35
C ILE B 29 13.54 -17.99 23.06
N GLY B 30 14.43 -18.97 23.17
CA GLY B 30 14.06 -20.34 22.87
C GLY B 30 13.56 -20.44 21.44
N THR B 31 12.39 -21.06 21.27
CA THR B 31 11.75 -21.17 19.96
C THR B 31 10.45 -20.36 19.90
N ASN B 32 10.37 -19.28 20.70
CA ASN B 32 9.21 -18.39 20.67
C ASN B 32 9.43 -17.30 19.65
N LEU B 33 9.43 -17.71 18.38
CA LEU B 33 9.76 -16.85 17.25
C LEU B 33 8.85 -17.20 16.08
N HIS B 34 8.31 -16.17 15.41
CA HIS B 34 7.37 -16.37 14.32
C HIS B 34 7.71 -15.45 13.16
N TRP B 35 7.26 -15.83 11.97
CA TRP B 35 7.52 -15.09 10.74
C TRP B 35 6.21 -14.64 10.09
N TYR B 36 6.21 -13.41 9.57
CA TYR B 36 5.06 -12.84 8.90
C TYR B 36 5.45 -12.31 7.52
N GLN B 37 4.46 -12.24 6.63
CA GLN B 37 4.62 -11.68 5.30
C GLN B 37 3.67 -10.50 5.13
N GLN B 38 4.14 -9.44 4.46
CA GLN B 38 3.31 -8.28 4.21
C GLN B 38 3.70 -7.66 2.88
N LYS B 39 2.69 -7.29 2.10
CA LYS B 39 2.86 -6.57 0.85
C LYS B 39 2.32 -5.15 0.97
N PRO B 40 2.79 -4.23 0.15
CA PRO B 40 2.31 -2.84 0.26
C PRO B 40 0.79 -2.76 0.16
N GLY B 41 0.18 -2.03 1.10
CA GLY B 41 -1.24 -1.84 1.13
C GLY B 41 -2.04 -2.97 1.74
N GLN B 42 -1.39 -4.02 2.23
CA GLN B 42 -2.07 -5.19 2.77
C GLN B 42 -1.66 -5.41 4.22
N SER B 43 -2.40 -6.28 4.90
N SER B 43 -2.40 -6.29 4.89
CA SER B 43 -2.11 -6.61 6.28
CA SER B 43 -2.12 -6.62 6.28
C SER B 43 -1.14 -7.78 6.35
C SER B 43 -1.13 -7.79 6.36
N PRO B 44 -0.41 -7.92 7.47
CA PRO B 44 0.53 -9.03 7.60
C PRO B 44 -0.17 -10.38 7.57
N LYS B 45 0.59 -11.41 7.22
CA LYS B 45 0.10 -12.78 7.14
C LYS B 45 1.10 -13.72 7.80
N LEU B 46 0.61 -14.57 8.71
CA LEU B 46 1.46 -15.49 9.42
C LEU B 46 1.94 -16.62 8.49
N LEU B 47 3.26 -16.86 8.47
CA LEU B 47 3.85 -17.90 7.66
C LEU B 47 4.34 -19.08 8.49
N ILE B 48 5.09 -18.82 9.56
CA ILE B 48 5.66 -19.85 10.42
C ILE B 48 5.44 -19.44 11.86
N LYS B 49 5.20 -20.43 12.72
CA LYS B 49 5.05 -20.18 14.16
C LYS B 49 6.01 -21.08 14.92
N TYR B 50 6.50 -20.55 16.04
CA TYR B 50 7.43 -21.26 16.92
C TYR B 50 8.58 -21.89 16.13
N SER B 51 9.23 -21.03 15.34
CA SER B 51 10.50 -21.36 14.66
C SER B 51 10.30 -22.20 13.40
N SER B 52 9.59 -23.33 13.51
CA SER B 52 9.54 -24.28 12.41
C SER B 52 8.17 -24.92 12.17
N GLN B 53 7.15 -24.56 12.92
CA GLN B 53 5.84 -25.19 12.74
C GLN B 53 5.08 -24.55 11.59
N SER B 54 4.43 -25.38 10.78
CA SER B 54 3.78 -24.93 9.57
C SER B 54 2.38 -24.41 9.86
N ILE B 55 1.89 -23.56 8.96
CA ILE B 55 0.58 -22.92 9.06
C ILE B 55 -0.32 -23.45 7.97
N SER B 56 -1.60 -23.62 8.28
CA SER B 56 -2.55 -24.13 7.30
C SER B 56 -2.72 -23.14 6.16
N GLY B 57 -2.54 -23.63 4.94
CA GLY B 57 -2.72 -22.82 3.75
C GLY B 57 -1.46 -22.20 3.19
N VAL B 58 -0.37 -22.19 3.96
CA VAL B 58 0.88 -21.57 3.49
C VAL B 58 1.60 -22.57 2.58
N PRO B 59 2.12 -22.14 1.43
CA PRO B 59 2.82 -23.09 0.54
C PRO B 59 3.97 -23.78 1.26
N SER B 60 4.27 -25.00 0.81
CA SER B 60 5.28 -25.82 1.46
C SER B 60 6.70 -25.29 1.24
N ARG B 61 6.90 -24.43 0.26
CA ARG B 61 8.23 -23.90 0.00
C ARG B 61 8.76 -23.03 1.14
N PHE B 62 7.90 -22.64 2.08
CA PHE B 62 8.31 -21.87 3.25
C PHE B 62 8.66 -22.81 4.41
N SER B 63 9.76 -22.51 5.09
CA SER B 63 10.18 -23.30 6.24
C SER B 63 11.14 -22.48 7.09
N GLY B 64 11.14 -22.77 8.39
CA GLY B 64 11.97 -22.04 9.32
C GLY B 64 12.72 -22.97 10.25
N SER B 65 13.77 -22.43 10.87
CA SER B 65 14.59 -23.19 11.79
C SER B 65 15.27 -22.21 12.74
N GLY B 66 15.89 -22.77 13.78
CA GLY B 66 16.61 -21.97 14.75
C GLY B 66 16.12 -22.13 16.17
N SER B 67 17.04 -22.00 17.13
CA SER B 67 16.69 -22.11 18.54
C SER B 67 17.70 -21.31 19.35
N GLY B 68 17.20 -20.50 20.29
CA GLY B 68 18.06 -19.65 21.09
C GLY B 68 18.01 -18.20 20.66
N THR B 69 18.94 -17.79 19.81
CA THR B 69 19.02 -16.41 19.36
C THR B 69 19.10 -16.24 17.84
N ASP B 70 19.48 -17.26 17.09
CA ASP B 70 19.65 -17.17 15.64
C ASP B 70 18.56 -17.98 14.95
N PHE B 71 17.86 -17.34 14.00
CA PHE B 71 16.75 -17.96 13.32
C PHE B 71 16.86 -17.68 11.82
N THR B 72 16.23 -18.54 11.02
CA THR B 72 16.31 -18.47 9.57
C THR B 72 14.97 -18.86 8.96
N LEU B 73 14.52 -18.06 8.00
CA LEU B 73 13.39 -18.40 7.14
C LEU B 73 13.90 -18.70 5.74
N THR B 74 13.45 -19.82 5.18
CA THR B 74 13.93 -20.28 3.88
C THR B 74 12.74 -20.45 2.94
N ILE B 75 12.88 -19.93 1.72
CA ILE B 75 11.94 -20.16 0.63
C ILE B 75 12.65 -21.08 -0.36
N ASN B 76 12.16 -22.31 -0.48
CA ASN B 76 12.87 -23.31 -1.26
C ASN B 76 13.02 -22.89 -2.72
N SER B 77 11.92 -22.51 -3.36
CA SER B 77 11.92 -22.11 -4.76
C SER B 77 11.13 -20.81 -4.88
N LEU B 78 11.83 -19.71 -5.10
CA LEU B 78 11.20 -18.39 -5.06
C LEU B 78 10.22 -18.23 -6.22
N GLU B 79 9.02 -17.77 -5.90
CA GLU B 79 7.97 -17.50 -6.87
C GLU B 79 7.71 -16.01 -6.98
N ALA B 80 7.02 -15.63 -8.05
CA ALA B 80 6.78 -14.21 -8.32
C ALA B 80 6.03 -13.56 -7.17
N ASP B 81 4.97 -14.20 -6.68
CA ASP B 81 4.16 -13.61 -5.62
C ASP B 81 4.85 -13.59 -4.27
N ASP B 82 6.10 -14.05 -4.18
CA ASP B 82 6.87 -13.97 -2.94
C ASP B 82 7.53 -12.61 -2.75
N ALA B 83 7.42 -11.70 -3.72
CA ALA B 83 7.93 -10.35 -3.54
C ALA B 83 7.18 -9.67 -2.40
N ALA B 84 7.88 -9.40 -1.30
CA ALA B 84 7.24 -8.81 -0.13
C ALA B 84 8.27 -8.49 0.95
N THR B 85 7.81 -8.01 2.09
CA THR B 85 8.63 -7.81 3.27
C THR B 85 8.30 -8.89 4.29
N TYR B 86 9.34 -9.42 4.94
CA TYR B 86 9.19 -10.51 5.89
C TYR B 86 9.69 -10.06 7.26
N TYR B 87 8.85 -10.23 8.28
CA TYR B 87 9.15 -9.81 9.64
C TYR B 87 9.22 -11.03 10.55
N CYS B 88 10.15 -11.01 11.50
CA CYS B 88 10.14 -11.96 12.61
C CYS B 88 9.56 -11.30 13.85
N GLN B 89 9.13 -12.13 14.81
CA GLN B 89 8.49 -11.64 16.02
C GLN B 89 8.81 -12.58 17.18
N GLN B 90 9.36 -12.02 18.26
CA GLN B 90 9.60 -12.79 19.47
C GLN B 90 8.41 -12.66 20.42
N THR B 91 8.08 -13.77 21.10
CA THR B 91 7.00 -13.79 22.08
C THR B 91 7.45 -14.43 23.39
N ASN B 92 8.74 -14.30 23.72
CA ASN B 92 9.25 -14.87 24.95
C ASN B 92 9.19 -13.90 26.12
N SER B 93 9.29 -12.60 25.85
N SER B 93 9.29 -12.60 25.85
CA SER B 93 9.32 -11.58 26.89
CA SER B 93 9.30 -11.59 26.89
C SER B 93 8.32 -10.48 26.57
C SER B 93 8.29 -10.50 26.56
N PHE B 94 7.69 -9.95 27.60
CA PHE B 94 6.70 -8.89 27.41
C PHE B 94 7.41 -7.54 27.29
N PRO B 95 7.05 -6.70 26.31
CA PRO B 95 6.07 -6.93 25.24
C PRO B 95 6.68 -7.64 24.03
N CYS B 96 5.86 -8.39 23.30
CA CYS B 96 6.34 -8.98 22.05
C CYS B 96 6.80 -7.87 21.12
N THR B 97 7.83 -8.18 20.32
CA THR B 97 8.45 -7.18 19.45
C THR B 97 8.77 -7.79 18.10
N PHE B 98 8.67 -6.96 17.06
CA PHE B 98 8.94 -7.37 15.69
C PHE B 98 10.31 -6.87 15.25
N GLY B 99 10.86 -7.55 14.26
CA GLY B 99 12.05 -7.08 13.59
C GLY B 99 11.73 -6.00 12.58
N PRO B 100 12.79 -5.37 12.05
CA PRO B 100 12.58 -4.29 11.08
C PRO B 100 12.13 -4.76 9.72
N GLY B 101 12.23 -6.05 9.41
CA GLY B 101 11.73 -6.58 8.16
C GLY B 101 12.82 -6.66 7.10
N THR B 102 12.70 -7.70 6.26
CA THR B 102 13.58 -7.88 5.11
C THR B 102 12.72 -7.89 3.85
N LYS B 103 13.06 -7.02 2.90
CA LYS B 103 12.32 -6.88 1.66
C LYS B 103 12.96 -7.73 0.57
N VAL B 104 12.15 -8.52 -0.13
CA VAL B 104 12.61 -9.42 -1.18
C VAL B 104 12.12 -8.87 -2.52
N GLU B 105 13.07 -8.69 -3.45
CA GLU B 105 12.76 -8.28 -4.80
C GLU B 105 13.07 -9.43 -5.76
N ILE B 106 12.22 -9.59 -6.77
CA ILE B 106 12.42 -10.60 -7.80
C ILE B 106 13.29 -10.01 -8.89
N LYS B 107 14.32 -10.74 -9.30
CA LYS B 107 15.19 -10.34 -10.41
C LYS B 107 14.74 -11.10 -11.65
N ARG B 108 14.15 -10.39 -12.60
CA ARG B 108 13.65 -10.97 -13.84
C ARG B 108 14.41 -10.39 -15.03
N THR B 109 13.93 -10.70 -16.23
CA THR B 109 14.55 -10.22 -17.46
C THR B 109 14.19 -8.77 -17.72
N VAL B 110 15.02 -8.11 -18.54
CA VAL B 110 14.78 -6.72 -18.91
C VAL B 110 13.51 -6.62 -19.73
N ALA B 111 12.72 -5.58 -19.46
CA ALA B 111 11.46 -5.35 -20.17
C ALA B 111 11.29 -3.85 -20.35
N ALA B 112 11.17 -3.42 -21.61
CA ALA B 112 11.01 -2.01 -21.89
C ALA B 112 9.59 -1.54 -21.54
N PRO B 113 9.43 -0.29 -21.16
CA PRO B 113 8.09 0.20 -20.80
C PRO B 113 7.23 0.51 -22.02
N SER B 114 5.93 0.49 -21.79
CA SER B 114 4.96 1.00 -22.75
C SER B 114 4.58 2.43 -22.33
N VAL B 115 4.73 3.36 -23.25
CA VAL B 115 4.63 4.79 -22.95
C VAL B 115 3.30 5.33 -23.48
N PHE B 116 2.59 6.06 -22.62
CA PHE B 116 1.33 6.69 -23.00
C PHE B 116 1.30 8.10 -22.42
N ILE B 117 0.56 8.99 -23.07
CA ILE B 117 0.43 10.38 -22.63
C ILE B 117 -1.04 10.77 -22.70
N PHE B 118 -1.47 11.57 -21.72
CA PHE B 118 -2.86 11.99 -21.61
C PHE B 118 -2.92 13.51 -21.54
N PRO B 119 -3.64 14.17 -22.45
CA PRO B 119 -3.84 15.63 -22.32
C PRO B 119 -4.76 15.93 -21.14
N PRO B 120 -4.82 17.18 -20.70
CA PRO B 120 -5.73 17.53 -19.60
C PRO B 120 -7.18 17.50 -20.06
N SER B 121 -8.07 17.26 -19.11
CA SER B 121 -9.50 17.21 -19.39
C SER B 121 -10.08 18.62 -19.40
N ASP B 122 -11.15 18.80 -20.19
CA ASP B 122 -11.82 20.09 -20.22
C ASP B 122 -12.39 20.44 -18.86
N GLU B 123 -12.76 19.45 -18.06
CA GLU B 123 -13.26 19.72 -16.71
C GLU B 123 -12.18 20.38 -15.85
N GLN B 124 -10.94 19.90 -15.95
CA GLN B 124 -9.86 20.51 -15.18
C GLN B 124 -9.51 21.90 -15.70
N LEU B 125 -9.54 22.08 -17.02
CA LEU B 125 -9.24 23.39 -17.59
C LEU B 125 -10.25 24.43 -17.13
N LYS B 126 -11.52 24.04 -17.02
CA LYS B 126 -12.54 24.95 -16.51
C LYS B 126 -12.20 25.45 -15.11
N SER B 127 -11.44 24.67 -14.35
CA SER B 127 -11.06 25.06 -12.99
C SER B 127 -9.79 25.91 -12.95
N GLY B 128 -9.10 26.09 -14.07
CA GLY B 128 -7.94 26.95 -14.14
C GLY B 128 -6.60 26.24 -14.07
N THR B 129 -6.57 24.91 -14.16
CA THR B 129 -5.34 24.14 -14.08
C THR B 129 -5.31 23.13 -15.22
N ALA B 130 -4.09 22.72 -15.58
CA ALA B 130 -3.88 21.76 -16.66
C ALA B 130 -2.80 20.78 -16.23
N SER B 131 -3.16 19.49 -16.14
CA SER B 131 -2.24 18.44 -15.78
C SER B 131 -2.05 17.50 -16.96
N VAL B 132 -0.81 17.28 -17.36
CA VAL B 132 -0.45 16.34 -18.42
C VAL B 132 0.26 15.15 -17.78
N VAL B 133 -0.18 13.94 -18.13
CA VAL B 133 0.31 12.72 -17.50
C VAL B 133 1.02 11.87 -18.54
N CYS B 134 2.16 11.31 -18.14
CA CYS B 134 2.96 10.40 -18.96
C CYS B 134 3.07 9.09 -18.19
N LEU B 135 2.66 7.98 -18.83
CA LEU B 135 2.55 6.69 -18.18
C LEU B 135 3.56 5.71 -18.75
N LEU B 136 4.36 5.10 -17.87
CA LEU B 136 5.30 4.04 -18.22
C LEU B 136 4.81 2.74 -17.59
N ASN B 137 4.44 1.77 -18.43
CA ASN B 137 3.74 0.58 -17.98
C ASN B 137 4.65 -0.65 -18.05
N ASN B 138 4.74 -1.37 -16.92
CA ASN B 138 5.31 -2.71 -16.87
C ASN B 138 6.70 -2.78 -17.48
N PHE B 139 7.72 -2.41 -16.70
CA PHE B 139 9.09 -2.44 -17.16
C PHE B 139 9.99 -2.97 -16.04
N TYR B 140 11.21 -3.34 -16.43
CA TYR B 140 12.21 -3.81 -15.47
C TYR B 140 13.58 -3.64 -16.11
N PRO B 141 14.60 -3.15 -15.38
CA PRO B 141 14.59 -2.76 -13.96
C PRO B 141 13.82 -1.47 -13.69
N ARG B 142 13.79 -1.06 -12.42
CA ARG B 142 12.99 0.10 -12.01
C ARG B 142 13.59 1.41 -12.46
N GLU B 143 14.90 1.48 -12.69
CA GLU B 143 15.53 2.72 -13.13
C GLU B 143 14.94 3.17 -14.46
N ALA B 144 14.60 4.46 -14.54
CA ALA B 144 14.07 5.03 -15.77
C ALA B 144 14.19 6.54 -15.71
N LYS B 145 14.36 7.17 -16.87
CA LYS B 145 14.48 8.61 -16.99
C LYS B 145 13.34 9.14 -17.86
N VAL B 146 12.63 10.15 -17.36
CA VAL B 146 11.54 10.79 -18.08
C VAL B 146 11.83 12.28 -18.14
N GLN B 147 11.64 12.87 -19.32
CA GLN B 147 11.87 14.30 -19.54
C GLN B 147 10.68 14.90 -20.26
N TRP B 148 10.28 16.10 -19.83
CA TRP B 148 9.17 16.82 -20.43
C TRP B 148 9.69 17.88 -21.39
N LYS B 149 9.02 18.02 -22.53
CA LYS B 149 9.37 19.02 -23.54
C LYS B 149 8.10 19.72 -24.00
N VAL B 150 8.11 21.05 -23.91
CA VAL B 150 6.98 21.88 -24.34
C VAL B 150 7.49 22.75 -25.48
N ASP B 151 6.94 22.54 -26.68
CA ASP B 151 7.43 23.21 -27.88
C ASP B 151 8.93 22.99 -28.06
N ASN B 152 9.38 21.77 -27.73
CA ASN B 152 10.77 21.34 -27.84
C ASN B 152 11.65 21.93 -26.75
N ALA B 153 11.08 22.65 -25.78
CA ALA B 153 11.85 23.26 -24.70
C ALA B 153 11.83 22.33 -23.49
N LEU B 154 13.02 21.91 -23.06
CA LEU B 154 13.14 21.01 -21.92
C LEU B 154 12.64 21.69 -20.65
N GLN B 155 11.76 21.00 -19.92
CA GLN B 155 11.15 21.54 -18.72
C GLN B 155 11.90 21.08 -17.47
N SER B 156 11.73 21.86 -16.41
CA SER B 156 12.28 21.50 -15.10
C SER B 156 11.56 22.32 -14.04
N GLY B 157 11.22 21.66 -12.93
CA GLY B 157 10.60 22.34 -11.82
C GLY B 157 9.08 22.30 -11.78
N ASN B 158 8.44 21.56 -12.70
CA ASN B 158 6.99 21.60 -12.81
C ASN B 158 6.40 20.20 -13.00
N SER B 159 7.09 19.17 -12.53
CA SER B 159 6.63 17.79 -12.71
C SER B 159 6.89 17.00 -11.43
N GLN B 160 6.20 15.85 -11.33
CA GLN B 160 6.35 14.95 -10.20
C GLN B 160 6.20 13.51 -10.66
N GLU B 161 6.96 12.61 -10.04
CA GLU B 161 7.00 11.21 -10.43
C GLU B 161 6.54 10.31 -9.28
N SER B 162 6.07 9.12 -9.64
CA SER B 162 5.71 8.10 -8.67
C SER B 162 5.85 6.73 -9.32
N VAL B 163 6.46 5.78 -8.60
CA VAL B 163 6.67 4.43 -9.08
C VAL B 163 5.89 3.47 -8.20
N THR B 164 5.40 2.40 -8.80
CA THR B 164 4.63 1.40 -8.06
C THR B 164 5.55 0.39 -7.39
N GLU B 165 4.96 -0.42 -6.52
CA GLU B 165 5.66 -1.59 -5.99
C GLU B 165 5.80 -2.63 -7.11
N GLN B 166 6.60 -3.66 -6.83
CA GLN B 166 6.82 -4.71 -7.83
C GLN B 166 5.56 -5.55 -8.01
N ASP B 167 5.20 -5.80 -9.26
CA ASP B 167 3.98 -6.54 -9.55
C ASP B 167 4.12 -8.00 -9.14
N SER B 168 3.07 -8.54 -8.51
CA SER B 168 3.11 -9.89 -7.97
C SER B 168 2.95 -10.97 -9.04
N LYS B 169 2.68 -10.60 -10.29
CA LYS B 169 2.49 -11.57 -11.35
C LYS B 169 3.64 -11.60 -12.35
N ASP B 170 4.04 -10.45 -12.89
CA ASP B 170 5.12 -10.40 -13.88
C ASP B 170 6.37 -9.71 -13.36
N SER B 171 6.41 -9.30 -12.09
CA SER B 171 7.60 -8.77 -11.45
C SER B 171 8.10 -7.47 -12.08
N THR B 172 7.22 -6.73 -12.76
CA THR B 172 7.60 -5.46 -13.38
C THR B 172 7.17 -4.29 -12.50
N TYR B 173 7.56 -3.10 -12.94
CA TYR B 173 7.19 -1.85 -12.28
C TYR B 173 6.45 -0.97 -13.28
N SER B 174 5.76 0.04 -12.74
CA SER B 174 5.14 1.07 -13.56
C SER B 174 5.38 2.43 -12.92
N LEU B 175 5.41 3.46 -13.75
CA LEU B 175 5.76 4.81 -13.30
C LEU B 175 4.86 5.82 -13.98
N SER B 176 4.53 6.88 -13.25
N SER B 176 4.53 6.88 -13.25
CA SER B 176 3.71 7.97 -13.76
CA SER B 176 3.71 7.97 -13.76
C SER B 176 4.45 9.29 -13.55
C SER B 176 4.47 9.28 -13.56
N SER B 177 4.30 10.20 -14.51
CA SER B 177 4.92 11.52 -14.44
C SER B 177 3.88 12.55 -14.85
N THR B 178 3.67 13.55 -14.00
CA THR B 178 2.59 14.52 -14.16
C THR B 178 3.17 15.92 -14.28
N LEU B 179 2.95 16.55 -15.43
CA LEU B 179 3.33 17.95 -15.66
C LEU B 179 2.13 18.83 -15.35
N THR B 180 2.31 19.80 -14.45
CA THR B 180 1.22 20.64 -14.00
C THR B 180 1.51 22.10 -14.35
N LEU B 181 0.60 22.72 -15.09
CA LEU B 181 0.70 24.12 -15.46
C LEU B 181 -0.63 24.81 -15.20
N SER B 182 -0.62 26.14 -15.25
CA SER B 182 -1.85 26.90 -15.21
C SER B 182 -2.50 26.90 -16.60
N LYS B 183 -3.81 27.15 -16.61
CA LYS B 183 -4.52 27.22 -17.89
C LYS B 183 -3.89 28.24 -18.82
N ALA B 184 -3.52 29.41 -18.28
CA ALA B 184 -2.92 30.45 -19.11
C ALA B 184 -1.62 29.97 -19.73
N ASP B 185 -0.74 29.38 -18.91
CA ASP B 185 0.53 28.87 -19.45
C ASP B 185 0.33 27.70 -20.39
N TYR B 186 -0.68 26.86 -20.13
CA TYR B 186 -0.92 25.71 -20.99
C TYR B 186 -1.33 26.14 -22.39
N GLU B 187 -2.12 27.20 -22.50
CA GLU B 187 -2.58 27.68 -23.80
C GLU B 187 -1.58 28.61 -24.48
N LYS B 188 -0.40 28.82 -23.89
CA LYS B 188 0.65 29.57 -24.55
C LYS B 188 1.48 28.72 -25.50
N HIS B 189 1.41 27.39 -25.37
CA HIS B 189 2.21 26.48 -26.17
C HIS B 189 1.29 25.48 -26.85
N LYS B 190 1.85 24.77 -27.84
CA LYS B 190 1.05 23.89 -28.68
C LYS B 190 1.49 22.43 -28.61
N VAL B 191 2.78 22.15 -28.45
CA VAL B 191 3.32 20.80 -28.47
C VAL B 191 3.72 20.41 -27.05
N TYR B 192 3.29 19.22 -26.63
CA TYR B 192 3.63 18.67 -25.32
C TYR B 192 4.10 17.24 -25.50
N ALA B 193 5.23 16.90 -24.90
CA ALA B 193 5.84 15.60 -25.11
C ALA B 193 6.61 15.17 -23.87
N CYS B 194 6.65 13.85 -23.65
CA CYS B 194 7.53 13.25 -22.65
C CYS B 194 8.46 12.27 -23.33
N GLU B 195 9.74 12.34 -22.99
CA GLU B 195 10.77 11.49 -23.57
C GLU B 195 11.26 10.50 -22.52
N VAL B 196 11.34 9.22 -22.90
CA VAL B 196 11.62 8.14 -21.96
C VAL B 196 12.91 7.44 -22.38
N THR B 197 13.77 7.16 -21.40
CA THR B 197 14.99 6.40 -21.59
C THR B 197 14.99 5.22 -20.62
N HIS B 198 15.34 4.04 -21.11
CA HIS B 198 15.33 2.84 -20.29
C HIS B 198 16.32 1.82 -20.85
N GLN B 199 16.78 0.93 -19.96
CA GLN B 199 17.78 -0.06 -20.35
C GLN B 199 17.26 -0.97 -21.46
N GLY B 200 15.96 -1.21 -21.51
CA GLY B 200 15.37 -2.06 -22.53
C GLY B 200 15.05 -1.37 -23.83
N LEU B 201 15.38 -0.10 -23.97
CA LEU B 201 15.11 0.68 -25.18
C LEU B 201 16.44 1.05 -25.83
N SER B 202 16.67 0.52 -27.04
CA SER B 202 17.88 0.85 -27.77
C SER B 202 17.92 2.33 -28.15
N SER B 203 16.77 2.99 -28.21
CA SER B 203 16.69 4.41 -28.51
C SER B 203 15.56 5.03 -27.72
N PRO B 204 15.66 6.31 -27.36
CA PRO B 204 14.60 6.93 -26.54
C PRO B 204 13.26 6.95 -27.26
N VAL B 205 12.20 6.92 -26.48
CA VAL B 205 10.83 6.97 -26.98
C VAL B 205 10.22 8.32 -26.61
N THR B 206 9.43 8.88 -27.53
CA THR B 206 8.80 10.18 -27.34
C THR B 206 7.33 10.08 -27.73
N LYS B 207 6.45 10.31 -26.78
CA LYS B 207 5.03 10.45 -27.04
C LYS B 207 4.64 11.92 -26.90
N SER B 208 3.86 12.43 -27.84
CA SER B 208 3.53 13.85 -27.87
C SER B 208 2.12 14.04 -28.42
N PHE B 209 1.62 15.26 -28.24
CA PHE B 209 0.33 15.64 -28.79
C PHE B 209 0.32 17.15 -29.00
N ASN B 210 -0.60 17.61 -29.85
CA ASN B 210 -0.78 19.02 -30.12
C ASN B 210 -2.04 19.50 -29.40
N ARG B 211 -1.91 20.59 -28.64
CA ARG B 211 -3.04 21.14 -27.91
C ARG B 211 -4.16 21.49 -28.88
N GLY B 212 -5.32 20.86 -28.70
CA GLY B 212 -6.46 21.11 -29.56
C GLY B 212 -6.46 20.32 -30.85
N GLU B 213 -5.74 19.20 -30.90
CA GLU B 213 -5.68 18.38 -32.12
C GLU B 213 -6.98 17.61 -32.31
S SO4 C . -17.63 -9.06 27.27
O1 SO4 C . -18.42 -7.94 27.78
O2 SO4 C . -18.33 -10.31 27.52
O3 SO4 C . -17.41 -8.89 25.84
O4 SO4 C . -16.34 -9.08 27.96
S SO4 D . -16.00 -19.48 18.18
O1 SO4 D . -16.44 -19.65 19.57
O2 SO4 D . -17.02 -20.01 17.27
O3 SO4 D . -15.79 -18.07 17.90
O4 SO4 D . -14.74 -20.20 17.99
S SO4 E . -7.31 -11.56 34.37
O1 SO4 E . -7.68 -10.15 34.42
O2 SO4 E . -8.21 -12.33 35.23
O3 SO4 E . -7.43 -12.06 33.00
O4 SO4 E . -5.94 -11.74 34.84
S SO4 F . 20.82 -17.47 0.49
O1 SO4 F . 19.94 -16.31 0.43
O2 SO4 F . 20.03 -18.68 0.72
O3 SO4 F . 21.79 -17.31 1.57
O4 SO4 F . 21.54 -17.60 -0.78
#